data_1U3D
#
_entry.id   1U3D
#
_cell.length_a   169.213
_cell.length_b   169.213
_cell.length_c   104.521
_cell.angle_alpha   90.00
_cell.angle_beta   90.00
_cell.angle_gamma   120.00
#
_symmetry.space_group_name_H-M   'P 63 2 2'
#
loop_
_entity.id
_entity.type
_entity.pdbx_description
1 polymer 'Cryptochrome 1 apoprotein'
2 non-polymer 'MAGNESIUM ION'
3 non-polymer 'CHLORIDE ION'
4 non-polymer 'FLAVIN-ADENINE DINUCLEOTIDE'
5 non-polymer 'PHOSPHOAMINOPHOSPHONIC ACID-ADENYLATE ESTER'
6 non-polymer 'ETHYL DIMETHYL AMMONIO PROPANE SULFONATE'
7 water water
#
_entity_poly.entity_id   1
_entity_poly.type   'polypeptide(L)'
_entity_poly.pdbx_seq_one_letter_code
;MSGSVSGCGSGGCSIVWFRRDLRVEDNPALAAAVRAGPVIALFVWAPEEEGHYHPGRVSRWWLKNSLAQLDSSLRSLGTC
LITKRSTDSVASLLDVVKSTGASQIFFNHLYDPLSLVRDHRAKDVLTAQGIAVRSFNADLLYEPWEVTDELGRPFSMFAA
FWERCLSMPYDPESPLLPPKKIISGDVSKCVADPLVFEDDSEKGSNALLARAWSPGWSNGDKALTTFINGPLLEYSKNRR
KADSATTSFLSPHLHFGEVSVRKVFHLVRIKQVAWANEGNEAGEESVNLFLKSIGLREYSRYISFNHPYSHERPLLGHLK
FFPWAVDENYFKAWRQGRTGYPLVDAGMRELWATGWLHDRIRVVVSSFFVKVLQLPWRWGMKYFWDTLLDADLESDALGW
QYITGTLPDSREFDRIDNPQFEGYKFDPNGEYVRRWLPELSRLPTDWIHHPWNAPESVLQAAGIELGSNYPLPIVGLDEA
KARLHEALSQMWQLEAASRAAIENGSEEG
;
_entity_poly.pdbx_strand_id   A
#
loop_
_chem_comp.id
_chem_comp.type
_chem_comp.name
_chem_comp.formula
ANP non-polymer 'PHOSPHOAMINOPHOSPHONIC ACID-ADENYLATE ESTER' 'C10 H17 N6 O12 P3'
CL non-polymer 'CHLORIDE ION' 'Cl -1'
FAD non-polymer 'FLAVIN-ADENINE DINUCLEOTIDE' 'C27 H33 N9 O15 P2'
MG non-polymer 'MAGNESIUM ION' 'Mg 2'
NDS non-polymer 'ETHYL DIMETHYL AMMONIO PROPANE SULFONATE' 'C7 H17 N O3 S'
#
# COMPACT_ATOMS: atom_id res chain seq x y z
N CYS A 13 27.66 14.18 -18.50
CA CYS A 13 27.01 13.17 -17.60
C CYS A 13 26.09 13.58 -16.48
N SER A 14 24.80 13.20 -16.66
N SER A 14 24.85 13.11 -16.63
CA SER A 14 23.78 13.43 -15.62
CA SER A 14 23.81 13.38 -15.65
C SER A 14 23.23 12.06 -15.14
C SER A 14 23.23 12.04 -15.14
N ILE A 15 23.11 11.92 -13.82
CA ILE A 15 22.58 10.69 -13.22
C ILE A 15 21.13 10.73 -12.75
N VAL A 16 20.33 9.77 -13.25
CA VAL A 16 18.92 9.62 -12.82
C VAL A 16 18.78 8.47 -11.80
N TRP A 17 18.48 8.83 -10.56
CA TRP A 17 18.36 7.85 -9.48
C TRP A 17 16.91 7.41 -9.21
N PHE A 18 16.56 6.25 -9.76
CA PHE A 18 15.25 5.61 -9.66
C PHE A 18 15.09 4.91 -8.33
N ARG A 19 13.98 5.12 -7.62
CA ARG A 19 13.75 4.39 -6.37
C ARG A 19 12.36 3.74 -6.44
N ARG A 20 11.28 4.53 -6.36
CA ARG A 20 9.91 4.01 -6.44
C ARG A 20 9.08 4.92 -7.34
N ASP A 21 9.61 5.10 -8.55
CA ASP A 21 9.06 5.92 -9.65
C ASP A 21 9.41 5.17 -10.98
N LEU A 22 9.19 3.87 -10.97
CA LEU A 22 9.54 3.03 -12.10
C LEU A 22 8.77 3.24 -13.41
N ARG A 23 8.92 4.42 -14.01
CA ARG A 23 8.22 4.71 -15.26
C ARG A 23 8.91 5.73 -16.08
N VAL A 24 8.56 5.82 -17.35
CA VAL A 24 9.17 6.81 -18.23
C VAL A 24 8.20 7.93 -18.56
N GLU A 25 6.93 7.74 -18.28
CA GLU A 25 5.97 8.81 -18.56
C GLU A 25 5.79 9.62 -17.28
N ASP A 26 5.59 10.92 -17.48
CA ASP A 26 5.42 11.84 -16.39
C ASP A 26 6.35 11.57 -15.24
N ASN A 27 7.63 11.51 -15.57
CA ASN A 27 8.72 11.31 -14.61
C ASN A 27 9.63 12.56 -14.71
N PRO A 28 9.40 13.54 -13.86
CA PRO A 28 10.17 14.80 -13.85
C PRO A 28 11.71 14.70 -13.76
N ALA A 29 12.25 13.83 -12.90
CA ALA A 29 13.70 13.69 -12.81
C ALA A 29 14.21 13.20 -14.15
N LEU A 30 13.62 12.16 -14.71
CA LEU A 30 14.11 11.68 -16.00
C LEU A 30 14.05 12.81 -17.04
N ALA A 31 12.89 13.47 -17.15
CA ALA A 31 12.73 14.53 -18.14
C ALA A 31 13.76 15.68 -17.94
N ALA A 32 14.11 16.00 -16.71
CA ALA A 32 15.07 17.06 -16.42
C ALA A 32 16.48 16.59 -16.85
N ALA A 33 16.75 15.31 -16.67
CA ALA A 33 18.05 14.78 -17.06
C ALA A 33 18.20 14.75 -18.56
N VAL A 34 17.18 14.35 -19.29
CA VAL A 34 17.31 14.32 -20.74
C VAL A 34 17.50 15.73 -21.31
N ARG A 35 16.86 16.72 -20.67
CA ARG A 35 17.01 18.13 -21.10
C ARG A 35 18.47 18.57 -20.94
N ALA A 36 19.14 18.02 -19.92
CA ALA A 36 20.53 18.38 -19.58
C ALA A 36 21.71 17.79 -20.18
N GLY A 37 21.60 16.68 -20.89
CA GLY A 37 22.82 16.04 -21.42
C GLY A 37 22.59 14.59 -21.22
N PRO A 38 23.48 13.75 -21.75
CA PRO A 38 23.24 12.31 -21.58
C PRO A 38 23.00 11.88 -20.15
N VAL A 39 22.47 10.68 -20.01
CA VAL A 39 22.02 10.09 -18.79
C VAL A 39 22.55 8.68 -18.44
N ILE A 40 22.58 8.36 -17.15
CA ILE A 40 22.96 7.03 -16.67
C ILE A 40 21.78 6.71 -15.74
N ALA A 41 20.91 5.80 -16.16
CA ALA A 41 19.74 5.41 -15.36
C ALA A 41 20.24 4.51 -14.26
N LEU A 42 20.07 4.91 -13.01
CA LEU A 42 20.53 4.07 -11.92
C LEU A 42 19.47 3.58 -10.94
N PHE A 43 19.62 2.34 -10.51
CA PHE A 43 18.76 1.82 -9.46
C PHE A 43 19.68 1.10 -8.48
N VAL A 44 19.49 1.36 -7.19
CA VAL A 44 20.34 0.77 -6.17
C VAL A 44 19.52 -0.04 -5.20
N TRP A 45 19.80 -1.33 -5.10
CA TRP A 45 19.03 -2.16 -4.17
C TRP A 45 19.84 -2.27 -2.87
N ALA A 46 19.34 -1.68 -1.79
CA ALA A 46 19.97 -1.67 -0.42
C ALA A 46 18.97 -1.96 0.68
N PRO A 47 18.45 -3.16 0.70
CA PRO A 47 17.47 -3.42 1.76
C PRO A 47 17.84 -3.27 3.26
N GLU A 48 18.97 -3.78 3.72
CA GLU A 48 19.29 -3.67 5.17
C GLU A 48 19.20 -2.24 5.74
N GLU A 49 19.27 -1.31 4.81
CA GLU A 49 19.15 0.11 5.03
C GLU A 49 17.68 0.43 5.34
N GLU A 50 16.77 -0.53 5.09
CA GLU A 50 15.33 -0.35 5.32
C GLU A 50 14.89 -0.87 6.69
N GLY A 51 15.85 -1.22 7.52
CA GLY A 51 15.56 -1.65 8.86
C GLY A 51 14.73 -2.90 9.12
N HIS A 52 13.60 -2.68 9.78
CA HIS A 52 12.66 -3.73 10.16
C HIS A 52 11.69 -3.92 8.98
N TYR A 53 11.73 -2.96 8.06
CA TYR A 53 10.85 -3.00 6.90
C TYR A 53 11.49 -3.25 5.53
N HIS A 54 12.37 -4.22 5.44
N HIS A 54 12.30 -4.30 5.44
CA HIS A 54 12.94 -4.52 4.13
CA HIS A 54 12.91 -4.68 4.15
C HIS A 54 11.71 -5.04 3.39
C HIS A 54 11.74 -5.29 3.36
N PRO A 55 11.68 -5.04 2.05
CA PRO A 55 10.55 -5.59 1.28
C PRO A 55 10.34 -7.09 1.44
N GLY A 56 9.08 -7.49 1.54
CA GLY A 56 8.71 -8.91 1.65
C GLY A 56 8.72 -9.68 0.34
N ARG A 57 8.55 -11.00 0.41
CA ARG A 57 8.59 -11.83 -0.77
C ARG A 57 7.75 -11.39 -1.96
N VAL A 58 6.46 -11.13 -1.77
CA VAL A 58 5.68 -10.76 -2.95
C VAL A 58 5.96 -9.38 -3.51
N SER A 59 6.34 -8.46 -2.64
CA SER A 59 6.72 -7.11 -3.04
C SER A 59 7.99 -7.25 -3.90
N ARG A 60 8.94 -8.04 -3.43
CA ARG A 60 10.18 -8.24 -4.14
C ARG A 60 9.96 -8.88 -5.51
N TRP A 61 8.98 -9.78 -5.60
CA TRP A 61 8.70 -10.45 -6.84
C TRP A 61 8.18 -9.37 -7.79
N TRP A 62 7.39 -8.44 -7.26
CA TRP A 62 6.85 -7.37 -8.09
C TRP A 62 7.97 -6.45 -8.59
N LEU A 63 8.88 -6.07 -7.67
CA LEU A 63 10.01 -5.19 -8.00
C LEU A 63 10.86 -5.78 -9.10
N LYS A 64 11.18 -7.07 -8.95
CA LYS A 64 11.98 -7.79 -9.93
C LYS A 64 11.39 -7.67 -11.35
N ASN A 65 10.10 -7.92 -11.49
CA ASN A 65 9.50 -7.85 -12.80
C ASN A 65 9.26 -6.40 -13.26
N SER A 66 8.99 -5.51 -12.33
CA SER A 66 8.77 -4.13 -12.68
C SER A 66 10.08 -3.54 -13.23
N LEU A 67 11.21 -3.84 -12.59
CA LEU A 67 12.53 -3.34 -13.02
C LEU A 67 12.91 -3.86 -14.38
N ALA A 68 12.53 -5.09 -14.70
CA ALA A 68 12.85 -5.65 -16.02
C ALA A 68 12.14 -4.84 -17.11
N GLN A 69 10.87 -4.58 -16.89
CA GLN A 69 10.11 -3.81 -17.82
C GLN A 69 10.68 -2.38 -17.91
N LEU A 70 11.11 -1.83 -16.75
CA LEU A 70 11.67 -0.47 -16.74
C LEU A 70 12.92 -0.44 -17.63
N ASP A 71 13.83 -1.41 -17.41
CA ASP A 71 15.04 -1.51 -18.20
C ASP A 71 14.73 -1.69 -19.69
N SER A 72 13.81 -2.59 -19.96
CA SER A 72 13.43 -2.84 -21.34
C SER A 72 12.96 -1.54 -22.00
N SER A 73 12.19 -0.75 -21.27
CA SER A 73 11.67 0.50 -21.78
C SER A 73 12.76 1.46 -22.09
N LEU A 74 13.62 1.71 -21.07
CA LEU A 74 14.75 2.60 -21.21
C LEU A 74 15.62 2.18 -22.42
N ARG A 75 15.85 0.87 -22.59
CA ARG A 75 16.62 0.45 -23.73
C ARG A 75 15.96 0.90 -25.03
N SER A 76 14.64 0.73 -25.13
CA SER A 76 13.89 1.16 -26.32
C SER A 76 14.15 2.63 -26.61
N LEU A 77 14.39 3.39 -25.55
CA LEU A 77 14.61 4.82 -25.69
C LEU A 77 16.10 5.22 -25.84
N GLY A 78 16.99 4.25 -25.81
CA GLY A 78 18.41 4.55 -25.92
C GLY A 78 19.43 4.27 -24.82
N THR A 79 19.02 4.08 -23.57
CA THR A 79 19.99 3.80 -22.49
C THR A 79 19.60 2.53 -21.74
N CYS A 80 20.47 1.98 -20.91
CA CYS A 80 20.15 0.78 -20.15
C CYS A 80 19.95 1.18 -18.69
N LEU A 81 19.45 0.26 -17.88
CA LEU A 81 19.29 0.61 -16.47
C LEU A 81 20.46 -0.08 -15.78
N ILE A 82 21.19 0.69 -14.99
CA ILE A 82 22.33 0.18 -14.29
C ILE A 82 21.91 -0.09 -12.89
N THR A 83 22.14 -1.33 -12.45
CA THR A 83 21.74 -1.74 -11.12
C THR A 83 22.95 -2.01 -10.25
N LYS A 84 22.80 -1.62 -9.00
CA LYS A 84 23.86 -1.77 -8.03
C LYS A 84 23.30 -2.36 -6.76
N ARG A 85 24.01 -3.33 -6.25
CA ARG A 85 23.65 -3.98 -5.02
C ARG A 85 24.61 -3.43 -3.95
N SER A 86 24.08 -2.97 -2.84
CA SER A 86 24.92 -2.38 -1.82
C SER A 86 24.22 -2.25 -0.47
N THR A 87 25.00 -1.86 0.53
CA THR A 87 24.47 -1.69 1.85
C THR A 87 24.28 -0.22 2.14
N ASP A 88 24.74 0.65 1.24
CA ASP A 88 24.56 2.09 1.42
C ASP A 88 24.33 2.77 0.08
N SER A 89 23.09 3.17 -0.17
CA SER A 89 22.77 3.78 -1.45
C SER A 89 23.56 5.08 -1.74
N VAL A 90 23.75 5.90 -0.72
CA VAL A 90 24.50 7.15 -0.90
C VAL A 90 25.90 6.85 -1.43
N ALA A 91 26.56 5.95 -0.70
CA ALA A 91 27.91 5.53 -1.06
C ALA A 91 27.93 5.11 -2.52
N SER A 92 26.98 4.24 -2.89
CA SER A 92 26.86 3.76 -4.26
C SER A 92 26.76 4.91 -5.27
N LEU A 93 26.05 5.95 -4.87
CA LEU A 93 25.90 7.10 -5.75
C LEU A 93 27.28 7.67 -6.05
N LEU A 94 28.02 7.93 -4.97
CA LEU A 94 29.37 8.47 -4.99
C LEU A 94 30.26 7.63 -5.87
N ASP A 95 30.25 6.33 -5.64
CA ASP A 95 31.10 5.48 -6.45
C ASP A 95 30.66 5.48 -7.93
N VAL A 96 29.39 5.83 -8.18
CA VAL A 96 28.92 5.86 -9.56
C VAL A 96 29.32 7.18 -10.19
N VAL A 97 29.13 8.28 -9.48
CA VAL A 97 29.53 9.57 -10.03
C VAL A 97 31.07 9.54 -10.15
N LYS A 98 31.73 9.12 -9.07
CA LYS A 98 33.18 9.04 -9.04
C LYS A 98 33.71 7.88 -9.83
N SER A 99 33.13 7.63 -11.00
CA SER A 99 33.56 6.53 -11.83
C SER A 99 33.06 6.79 -13.22
N THR A 100 32.05 7.63 -13.28
CA THR A 100 31.40 7.96 -14.52
C THR A 100 31.72 9.41 -14.86
N GLY A 101 31.96 10.20 -13.81
CA GLY A 101 32.24 11.60 -14.00
C GLY A 101 30.94 12.38 -14.23
N ALA A 102 29.97 12.14 -13.37
CA ALA A 102 28.70 12.83 -13.49
C ALA A 102 28.74 14.06 -12.58
N SER A 103 28.03 15.11 -12.96
CA SER A 103 28.01 16.33 -12.16
C SER A 103 26.66 16.65 -11.48
N GLN A 104 25.62 15.99 -11.96
CA GLN A 104 24.30 16.17 -11.38
C GLN A 104 23.62 14.81 -11.24
N ILE A 105 22.77 14.75 -10.23
CA ILE A 105 21.97 13.59 -9.93
C ILE A 105 20.51 14.06 -9.75
N PHE A 106 19.60 13.54 -10.60
CA PHE A 106 18.17 13.89 -10.50
C PHE A 106 17.39 12.72 -9.88
N PHE A 107 16.50 13.02 -8.94
CA PHE A 107 15.67 11.99 -8.37
C PHE A 107 14.31 12.54 -7.94
N ASN A 108 13.33 11.66 -7.74
CA ASN A 108 11.98 12.08 -7.35
C ASN A 108 11.83 11.79 -5.86
N HIS A 109 11.13 12.66 -5.13
CA HIS A 109 10.90 12.51 -3.69
C HIS A 109 10.15 11.27 -3.21
N LEU A 110 10.33 11.00 -1.91
CA LEU A 110 9.68 9.90 -1.23
C LEU A 110 9.35 10.45 0.15
N TYR A 111 8.24 10.05 0.73
CA TYR A 111 7.91 10.68 1.99
C TYR A 111 7.83 9.77 3.20
N ASP A 112 8.31 8.53 3.09
CA ASP A 112 8.28 7.63 4.23
C ASP A 112 9.47 7.98 5.12
N PRO A 113 9.34 7.73 6.42
CA PRO A 113 10.43 8.05 7.37
C PRO A 113 11.86 7.63 6.95
N LEU A 114 12.03 6.34 6.64
CA LEU A 114 13.35 5.81 6.26
C LEU A 114 13.94 6.54 5.03
N SER A 115 13.08 6.90 4.09
CA SER A 115 13.49 7.59 2.89
C SER A 115 13.83 9.05 3.16
N LEU A 116 13.04 9.68 4.04
CA LEU A 116 13.25 11.07 4.42
C LEU A 116 14.68 11.29 4.91
N VAL A 117 15.12 10.48 5.86
CA VAL A 117 16.47 10.63 6.37
C VAL A 117 17.55 10.38 5.31
N ARG A 118 17.57 9.18 4.73
CA ARG A 118 18.55 8.84 3.71
C ARG A 118 18.61 9.85 2.56
N ASP A 119 17.49 10.46 2.21
CA ASP A 119 17.48 11.42 1.12
C ASP A 119 18.24 12.67 1.50
N HIS A 120 18.04 13.16 2.74
CA HIS A 120 18.77 14.34 3.26
C HIS A 120 20.27 14.03 3.33
N ARG A 121 20.58 12.90 3.96
CA ARG A 121 21.96 12.47 4.11
C ARG A 121 22.59 12.39 2.72
N ALA A 122 21.74 12.15 1.73
CA ALA A 122 22.18 12.03 0.35
C ALA A 122 22.57 13.38 -0.24
N LYS A 123 21.65 14.34 -0.15
CA LYS A 123 21.83 15.71 -0.65
C LYS A 123 23.08 16.34 -0.03
N ASP A 124 23.21 16.19 1.29
CA ASP A 124 24.36 16.71 2.04
C ASP A 124 25.66 16.19 1.47
N VAL A 125 25.90 14.89 1.62
CA VAL A 125 27.12 14.28 1.12
C VAL A 125 27.48 14.57 -0.33
N LEU A 126 26.50 14.51 -1.22
CA LEU A 126 26.76 14.73 -2.65
C LEU A 126 26.96 16.17 -3.06
N THR A 127 26.21 17.05 -2.41
CA THR A 127 26.33 18.42 -2.79
C THR A 127 27.63 18.93 -2.17
N ALA A 128 27.87 18.51 -0.93
CA ALA A 128 29.08 18.88 -0.22
C ALA A 128 30.26 18.06 -0.76
N GLN A 129 30.22 17.75 -2.05
CA GLN A 129 31.27 16.96 -2.64
C GLN A 129 31.36 17.36 -4.10
N GLY A 130 30.65 18.45 -4.39
CA GLY A 130 30.63 19.01 -5.73
C GLY A 130 29.63 18.41 -6.69
N ILE A 131 28.47 17.99 -6.21
CA ILE A 131 27.48 17.43 -7.12
C ILE A 131 26.15 18.18 -7.03
N ALA A 132 25.63 18.61 -8.16
CA ALA A 132 24.33 19.31 -8.16
C ALA A 132 23.23 18.26 -7.99
N VAL A 133 22.36 18.44 -7.00
CA VAL A 133 21.27 17.49 -6.77
C VAL A 133 19.88 18.14 -6.89
N ARG A 134 19.07 17.74 -7.88
CA ARG A 134 17.74 18.32 -7.98
C ARG A 134 16.66 17.23 -7.74
N SER A 135 15.55 17.65 -7.18
CA SER A 135 14.50 16.79 -6.67
C SER A 135 13.07 17.14 -7.09
N PHE A 136 12.33 16.23 -7.72
CA PHE A 136 10.98 16.60 -8.13
C PHE A 136 9.86 15.81 -7.48
N ASN A 137 8.63 16.19 -7.82
CA ASN A 137 7.41 15.53 -7.34
C ASN A 137 6.91 14.56 -8.38
N ALA A 138 7.06 13.28 -8.10
CA ALA A 138 6.58 12.30 -9.06
C ALA A 138 5.44 11.50 -8.48
N ASP A 139 5.27 11.53 -7.17
CA ASP A 139 4.28 10.68 -6.55
C ASP A 139 3.00 11.26 -5.96
N LEU A 140 2.83 12.56 -6.06
CA LEU A 140 1.67 13.17 -5.47
C LEU A 140 1.08 14.20 -6.38
N LEU A 141 -0.13 14.58 -6.06
CA LEU A 141 -0.82 15.60 -6.82
C LEU A 141 -0.21 16.94 -6.43
N TYR A 142 0.16 17.07 -5.16
CA TYR A 142 0.74 18.29 -4.59
C TYR A 142 1.69 17.89 -3.47
N GLU A 143 2.79 18.62 -3.32
CA GLU A 143 3.73 18.29 -2.25
C GLU A 143 2.98 18.54 -0.95
N PRO A 144 3.27 17.78 0.10
CA PRO A 144 2.54 18.04 1.35
C PRO A 144 2.60 19.48 1.88
N TRP A 145 3.64 20.22 1.53
CA TRP A 145 3.74 21.60 1.98
C TRP A 145 2.87 22.58 1.20
N GLU A 146 2.47 22.21 -0.02
CA GLU A 146 1.62 23.05 -0.85
C GLU A 146 0.17 23.03 -0.37
N VAL A 147 -0.17 22.05 0.47
CA VAL A 147 -1.56 21.85 0.92
C VAL A 147 -1.68 22.14 2.38
N THR A 148 -2.33 23.24 2.67
CA THR A 148 -2.44 23.68 4.04
C THR A 148 -3.68 24.56 4.24
N ASP A 149 -4.05 24.78 5.49
CA ASP A 149 -5.22 25.60 5.79
C ASP A 149 -4.91 27.11 5.68
N GLU A 150 -5.94 27.95 5.72
CA GLU A 150 -5.79 29.42 5.61
C GLU A 150 -4.70 30.00 6.54
N LEU A 151 -4.66 29.58 7.81
CA LEU A 151 -3.59 30.03 8.71
C LEU A 151 -2.24 29.54 8.16
N GLY A 152 -2.20 28.34 7.59
CA GLY A 152 -0.93 27.88 7.05
C GLY A 152 -0.44 26.64 7.78
N ARG A 153 -1.31 26.08 8.62
CA ARG A 153 -0.99 24.88 9.37
C ARG A 153 -1.47 23.59 8.67
N PRO A 154 -0.77 22.48 8.92
CA PRO A 154 -1.16 21.21 8.31
C PRO A 154 -2.53 20.78 8.83
N PHE A 155 -3.43 20.32 7.96
CA PHE A 155 -4.74 19.86 8.43
C PHE A 155 -4.54 18.65 9.32
N SER A 156 -5.46 18.40 10.22
CA SER A 156 -5.27 17.26 11.10
C SER A 156 -6.26 16.12 10.83
N MET A 157 -7.12 16.29 9.82
CA MET A 157 -8.09 15.28 9.45
C MET A 157 -8.25 15.15 7.95
N PHE A 158 -8.58 13.95 7.52
CA PHE A 158 -8.70 13.72 6.10
C PHE A 158 -9.61 14.68 5.34
N ALA A 159 -10.89 14.71 5.69
CA ALA A 159 -11.86 15.57 4.99
C ALA A 159 -11.39 16.98 4.74
N ALA A 160 -10.86 17.67 5.77
CA ALA A 160 -10.42 19.05 5.55
C ALA A 160 -9.25 19.11 4.57
N PHE A 161 -8.39 18.10 4.66
CA PHE A 161 -7.21 18.02 3.80
C PHE A 161 -7.60 17.78 2.34
N TRP A 162 -8.53 16.84 2.16
CA TRP A 162 -8.95 16.46 0.82
C TRP A 162 -9.77 17.58 0.18
N GLU A 163 -10.58 18.26 0.98
CA GLU A 163 -11.37 19.39 0.46
C GLU A 163 -10.40 20.49 -0.03
N ARG A 164 -9.29 20.72 0.66
CA ARG A 164 -8.34 21.72 0.18
C ARG A 164 -7.68 21.20 -1.09
N CYS A 165 -7.22 19.95 -1.09
CA CYS A 165 -6.60 19.40 -2.29
C CYS A 165 -7.46 19.56 -3.54
N LEU A 166 -8.78 19.39 -3.39
CA LEU A 166 -9.69 19.49 -4.54
C LEU A 166 -10.11 20.91 -4.88
N SER A 167 -9.77 21.88 -4.03
CA SER A 167 -10.15 23.26 -4.28
C SER A 167 -8.92 24.16 -4.27
N MET A 168 -7.81 23.67 -4.80
CA MET A 168 -6.59 24.43 -4.84
C MET A 168 -6.60 25.53 -5.88
N PRO A 169 -5.83 26.61 -5.65
CA PRO A 169 -5.77 27.72 -6.61
C PRO A 169 -5.15 27.35 -7.96
N TYR A 170 -4.46 26.21 -8.02
CA TYR A 170 -3.84 25.75 -9.27
C TYR A 170 -3.99 24.25 -9.43
N ASP A 171 -3.90 23.79 -10.67
CA ASP A 171 -4.04 22.39 -10.99
C ASP A 171 -2.75 21.58 -10.84
N PRO A 172 -2.87 20.26 -10.66
CA PRO A 172 -1.66 19.46 -10.53
C PRO A 172 -0.96 19.53 -11.87
N GLU A 173 0.36 19.46 -11.93
CA GLU A 173 1.05 19.46 -13.22
C GLU A 173 0.40 18.38 -14.09
N SER A 174 0.34 18.63 -15.39
CA SER A 174 -0.25 17.67 -16.31
C SER A 174 0.84 16.70 -16.76
N PRO A 175 0.51 15.40 -16.88
CA PRO A 175 1.43 14.34 -17.30
C PRO A 175 2.31 14.76 -18.47
N LEU A 176 3.64 14.59 -18.34
CA LEU A 176 4.61 14.93 -19.40
C LEU A 176 4.85 13.67 -20.23
N LEU A 177 5.22 13.82 -21.50
CA LEU A 177 5.48 12.66 -22.33
C LEU A 177 6.82 12.06 -21.94
N PRO A 178 7.01 10.76 -22.19
CA PRO A 178 8.33 10.26 -21.82
C PRO A 178 9.28 10.85 -22.83
N PRO A 179 10.60 10.72 -22.61
CA PRO A 179 11.52 11.28 -23.59
C PRO A 179 11.28 10.60 -24.93
N LYS A 180 11.79 11.15 -26.03
CA LYS A 180 11.62 10.46 -27.30
C LYS A 180 12.91 9.71 -27.56
N LYS A 181 13.99 10.20 -26.95
CA LYS A 181 15.31 9.57 -27.03
C LYS A 181 16.07 9.91 -25.78
N ILE A 182 17.03 9.06 -25.42
CA ILE A 182 17.88 9.29 -24.27
C ILE A 182 19.26 8.94 -24.82
N ILE A 183 20.26 9.71 -24.42
CA ILE A 183 21.65 9.46 -24.85
C ILE A 183 22.33 8.92 -23.60
N SER A 184 23.02 7.79 -23.73
CA SER A 184 23.66 7.29 -22.49
C SER A 184 25.12 7.41 -22.29
N GLY A 185 25.50 8.17 -21.27
CA GLY A 185 26.84 8.48 -20.95
C GLY A 185 27.90 7.40 -21.05
N ASP A 186 27.99 6.39 -20.19
CA ASP A 186 29.06 5.42 -20.35
C ASP A 186 28.35 4.05 -20.42
N VAL A 187 28.06 3.61 -21.65
CA VAL A 187 27.33 2.36 -21.95
C VAL A 187 28.13 1.13 -21.61
N SER A 188 29.41 1.28 -21.36
CA SER A 188 30.25 0.17 -20.98
C SER A 188 29.88 -0.26 -19.56
N LYS A 189 29.02 0.52 -18.91
CA LYS A 189 28.59 0.21 -17.54
C LYS A 189 27.29 -0.57 -17.46
N CYS A 190 26.67 -0.81 -18.61
CA CYS A 190 25.40 -1.52 -18.70
C CYS A 190 25.34 -2.86 -18.00
N VAL A 191 26.41 -3.64 -18.14
CA VAL A 191 26.52 -4.93 -17.50
C VAL A 191 27.02 -4.61 -16.10
N ALA A 192 26.11 -4.61 -15.13
CA ALA A 192 26.45 -4.24 -13.77
C ALA A 192 26.20 -5.30 -12.72
N ASP A 193 25.55 -4.94 -11.62
CA ASP A 193 25.27 -5.89 -10.53
C ASP A 193 23.96 -6.65 -10.70
N PRO A 194 24.02 -7.98 -10.67
CA PRO A 194 22.75 -8.71 -10.82
C PRO A 194 22.02 -8.59 -9.48
N LEU A 195 20.71 -8.46 -9.52
CA LEU A 195 19.92 -8.30 -8.29
C LEU A 195 19.15 -9.58 -8.01
N VAL A 196 19.29 -10.13 -6.82
CA VAL A 196 18.54 -11.35 -6.58
C VAL A 196 17.39 -11.07 -5.61
N PHE A 197 16.17 -11.12 -6.15
CA PHE A 197 14.94 -10.88 -5.39
C PHE A 197 14.20 -12.14 -4.87
N GLU A 198 14.74 -13.33 -5.13
CA GLU A 198 14.11 -14.59 -4.73
C GLU A 198 15.11 -15.69 -4.39
N ASP A 199 14.87 -16.43 -3.31
CA ASP A 199 15.71 -17.57 -3.02
C ASP A 199 14.85 -18.70 -3.67
N ASP A 200 15.38 -19.92 -3.78
CA ASP A 200 14.65 -21.07 -4.37
C ASP A 200 13.32 -21.40 -3.67
N SER A 201 13.32 -21.30 -2.34
CA SER A 201 12.10 -21.50 -1.57
C SER A 201 10.98 -20.56 -2.08
N GLU A 202 11.31 -19.28 -2.20
CA GLU A 202 10.37 -18.25 -2.63
C GLU A 202 9.92 -18.38 -4.07
N LYS A 203 10.82 -18.87 -4.94
CA LYS A 203 10.48 -19.04 -6.36
C LYS A 203 9.26 -19.94 -6.40
N GLY A 204 9.28 -20.96 -5.52
CA GLY A 204 8.17 -21.91 -5.38
C GLY A 204 6.88 -21.21 -5.02
N SER A 205 6.89 -20.50 -3.90
CA SER A 205 5.72 -19.71 -3.50
C SER A 205 5.29 -18.60 -4.50
N ASN A 206 6.15 -18.14 -5.41
CA ASN A 206 5.73 -17.05 -6.32
C ASN A 206 5.09 -17.51 -7.62
N ALA A 207 5.16 -18.80 -7.87
CA ALA A 207 4.68 -19.37 -9.12
C ALA A 207 3.30 -19.00 -9.67
N LEU A 208 2.33 -18.68 -8.83
CA LEU A 208 1.02 -18.29 -9.37
C LEU A 208 0.87 -16.80 -9.63
N LEU A 209 1.76 -15.97 -9.06
CA LEU A 209 1.63 -14.52 -9.24
C LEU A 209 1.60 -14.05 -10.68
N ALA A 210 2.49 -14.56 -11.52
CA ALA A 210 2.52 -14.17 -12.94
C ALA A 210 1.21 -14.48 -13.65
N ARG A 211 0.40 -15.32 -13.03
CA ARG A 211 -0.85 -15.70 -13.65
C ARG A 211 -1.88 -14.66 -13.43
N ALA A 212 -1.72 -13.94 -12.35
CA ALA A 212 -2.70 -12.91 -11.99
C ALA A 212 -2.22 -11.50 -12.21
N TRP A 213 -0.91 -11.24 -12.03
CA TRP A 213 -0.41 -9.88 -12.20
C TRP A 213 0.68 -9.66 -13.23
N SER A 214 0.73 -8.46 -13.78
CA SER A 214 1.78 -8.06 -14.73
C SER A 214 2.42 -6.77 -14.20
N PRO A 215 3.48 -6.92 -13.41
CA PRO A 215 4.19 -5.75 -12.84
C PRO A 215 4.74 -4.85 -13.94
N GLY A 216 4.99 -3.55 -13.63
CA GLY A 216 5.51 -2.66 -14.65
C GLY A 216 4.58 -1.53 -15.08
N TRP A 217 5.16 -0.51 -15.67
CA TRP A 217 4.37 0.67 -16.01
C TRP A 217 3.43 0.46 -17.21
N SER A 218 3.86 -0.32 -18.16
CA SER A 218 3.11 -0.61 -19.37
C SER A 218 1.79 -1.26 -19.00
N ASN A 219 1.85 -2.25 -18.12
CA ASN A 219 0.65 -2.94 -17.65
C ASN A 219 -0.15 -2.12 -16.67
N GLY A 220 0.50 -1.20 -16.00
CA GLY A 220 -0.24 -0.39 -15.08
C GLY A 220 -1.09 0.55 -15.90
N ASP A 221 -0.55 1.02 -17.01
CA ASP A 221 -1.30 1.90 -17.89
C ASP A 221 -2.52 1.19 -18.39
N LYS A 222 -2.31 -0.05 -18.76
CA LYS A 222 -3.35 -0.92 -19.23
C LYS A 222 -4.44 -1.04 -18.17
N ALA A 223 -4.05 -1.22 -16.91
CA ALA A 223 -5.03 -1.38 -15.83
C ALA A 223 -5.79 -0.13 -15.59
N LEU A 224 -5.10 1.00 -15.62
CA LEU A 224 -5.79 2.27 -15.44
C LEU A 224 -6.86 2.40 -16.55
N THR A 225 -6.49 2.14 -17.80
CA THR A 225 -7.42 2.23 -18.95
C THR A 225 -8.66 1.34 -18.74
N THR A 226 -8.44 0.07 -18.53
CA THR A 226 -9.45 -0.91 -18.23
C THR A 226 -10.41 -0.44 -17.18
N PHE A 227 -9.85 0.05 -16.08
CA PHE A 227 -10.66 0.51 -14.94
C PHE A 227 -11.54 1.71 -15.30
N ILE A 228 -10.94 2.73 -15.88
CA ILE A 228 -11.72 3.90 -16.19
C ILE A 228 -12.79 3.64 -17.22
N ASN A 229 -12.53 2.75 -18.14
CA ASN A 229 -13.50 2.50 -19.17
C ASN A 229 -14.43 1.38 -18.81
N GLY A 230 -14.34 0.86 -17.61
CA GLY A 230 -15.22 -0.22 -17.28
C GLY A 230 -15.84 0.01 -15.94
N PRO A 231 -15.34 -0.70 -14.93
CA PRO A 231 -15.74 -0.68 -13.52
C PRO A 231 -15.87 0.66 -12.84
N LEU A 232 -15.17 1.70 -13.29
CA LEU A 232 -15.31 2.93 -12.52
C LEU A 232 -16.76 3.39 -12.40
N LEU A 233 -17.56 3.15 -13.44
CA LEU A 233 -18.97 3.55 -13.43
C LEU A 233 -19.72 2.95 -12.23
N GLU A 234 -19.40 1.72 -11.87
CA GLU A 234 -20.06 1.08 -10.75
C GLU A 234 -19.18 0.97 -9.56
N TYR A 235 -18.15 1.79 -9.50
CA TYR A 235 -17.21 1.71 -8.39
C TYR A 235 -17.93 1.87 -7.06
N SER A 236 -18.85 2.81 -7.02
CA SER A 236 -19.62 3.10 -5.83
C SER A 236 -20.60 2.05 -5.41
N LYS A 237 -21.43 1.57 -6.34
CA LYS A 237 -22.41 0.56 -5.95
C LYS A 237 -21.80 -0.83 -5.87
N ASN A 238 -20.49 -0.92 -6.01
CA ASN A 238 -19.86 -2.21 -5.97
C ASN A 238 -18.88 -2.46 -4.84
N ARG A 239 -18.69 -1.50 -3.94
CA ARG A 239 -17.68 -1.71 -2.89
C ARG A 239 -17.98 -2.64 -1.73
N ARG A 240 -19.23 -3.06 -1.57
CA ARG A 240 -19.47 -4.04 -0.55
C ARG A 240 -19.13 -5.38 -1.21
N LYS A 241 -18.47 -5.37 -2.36
CA LYS A 241 -18.11 -6.63 -2.99
C LYS A 241 -16.71 -7.03 -2.50
N ALA A 242 -16.63 -8.19 -1.86
CA ALA A 242 -15.39 -8.65 -1.28
C ALA A 242 -14.32 -9.22 -2.21
N ASP A 243 -14.67 -9.98 -3.24
CA ASP A 243 -13.62 -10.55 -4.10
C ASP A 243 -13.96 -10.43 -5.60
N SER A 244 -14.28 -9.23 -6.04
CA SER A 244 -14.63 -9.06 -7.44
C SER A 244 -13.79 -8.01 -8.17
N ALA A 245 -13.65 -8.18 -9.47
CA ALA A 245 -12.88 -7.23 -10.25
C ALA A 245 -13.59 -5.85 -10.34
N THR A 246 -13.98 -5.29 -9.19
CA THR A 246 -14.67 -4.03 -9.16
C THR A 246 -13.82 -2.81 -8.85
N THR A 247 -12.58 -3.03 -8.49
CA THR A 247 -11.72 -1.90 -8.17
C THR A 247 -10.64 -1.74 -9.23
N SER A 248 -9.72 -0.80 -9.04
CA SER A 248 -8.71 -0.56 -10.04
C SER A 248 -7.54 -1.53 -10.04
N PHE A 249 -7.18 -2.07 -8.89
CA PHE A 249 -6.01 -2.96 -8.82
C PHE A 249 -4.72 -2.22 -9.16
N LEU A 250 -4.75 -0.91 -8.96
CA LEU A 250 -3.56 -0.12 -9.23
C LEU A 250 -2.59 -0.03 -8.03
N SER A 251 -2.99 -0.40 -6.80
CA SER A 251 -2.07 -0.20 -5.66
C SER A 251 -0.59 -0.68 -5.80
N PRO A 252 -0.38 -1.91 -6.26
CA PRO A 252 1.02 -2.37 -6.40
C PRO A 252 1.76 -1.51 -7.42
N HIS A 253 1.07 -1.11 -8.48
CA HIS A 253 1.68 -0.25 -9.50
C HIS A 253 1.90 1.12 -8.83
N LEU A 254 0.89 1.62 -8.12
CA LEU A 254 1.07 2.91 -7.49
C LEU A 254 2.25 2.90 -6.50
N HIS A 255 2.39 1.86 -5.71
CA HIS A 255 3.49 1.84 -4.75
C HIS A 255 4.90 2.07 -5.37
N PHE A 256 5.16 1.55 -6.56
CA PHE A 256 6.47 1.69 -7.20
C PHE A 256 6.45 2.80 -8.30
N GLY A 257 5.54 3.77 -8.18
CA GLY A 257 5.47 4.81 -9.17
C GLY A 257 5.36 4.37 -10.62
N GLU A 258 4.81 3.19 -10.87
CA GLU A 258 4.67 2.71 -12.24
C GLU A 258 3.60 3.47 -13.00
N VAL A 259 2.73 4.13 -12.26
CA VAL A 259 1.64 4.87 -12.84
C VAL A 259 1.56 6.19 -12.14
N SER A 260 1.38 7.25 -12.90
CA SER A 260 1.28 8.59 -12.35
C SER A 260 -0.09 8.95 -11.80
N VAL A 261 -0.18 9.28 -10.51
CA VAL A 261 -1.47 9.66 -9.92
C VAL A 261 -1.98 10.90 -10.60
N ARG A 262 -1.07 11.67 -11.18
CA ARG A 262 -1.52 12.87 -11.84
C ARG A 262 -2.26 12.50 -13.10
N LYS A 263 -1.79 11.46 -13.76
CA LYS A 263 -2.46 10.99 -14.95
C LYS A 263 -3.80 10.38 -14.52
N VAL A 264 -3.77 9.61 -13.42
CA VAL A 264 -4.99 9.00 -12.92
C VAL A 264 -6.05 10.06 -12.62
N PHE A 265 -5.61 11.09 -11.92
CA PHE A 265 -6.48 12.19 -11.53
C PHE A 265 -7.06 12.90 -12.75
N HIS A 266 -6.23 13.13 -13.76
CA HIS A 266 -6.66 13.81 -14.98
C HIS A 266 -7.74 12.99 -15.71
N LEU A 267 -7.47 11.70 -15.95
CA LEU A 267 -8.47 10.84 -16.61
C LEU A 267 -9.80 10.79 -15.81
N VAL A 268 -9.70 10.76 -14.48
CA VAL A 268 -10.90 10.65 -13.66
C VAL A 268 -11.62 11.96 -13.68
N ARG A 269 -10.85 13.03 -13.69
CA ARG A 269 -11.48 14.33 -13.74
C ARG A 269 -12.22 14.54 -15.12
N ILE A 270 -11.71 13.98 -16.20
CA ILE A 270 -12.42 14.12 -17.46
C ILE A 270 -13.72 13.31 -17.45
N LYS A 271 -13.67 12.10 -16.92
CA LYS A 271 -14.88 11.29 -16.88
C LYS A 271 -15.92 12.03 -15.99
N GLN A 272 -15.49 12.51 -14.83
CA GLN A 272 -16.44 13.21 -14.00
C GLN A 272 -17.17 14.37 -14.76
N VAL A 273 -16.44 15.17 -15.52
CA VAL A 273 -17.07 16.28 -16.23
C VAL A 273 -18.08 15.77 -17.20
N ALA A 274 -17.73 14.74 -17.96
CA ALA A 274 -18.66 14.11 -18.92
C ALA A 274 -19.88 13.51 -18.25
N TRP A 275 -19.72 12.95 -17.04
CA TRP A 275 -20.86 12.35 -16.36
C TRP A 275 -21.71 13.41 -15.67
N ALA A 276 -21.11 14.51 -15.26
CA ALA A 276 -21.90 15.55 -14.62
C ALA A 276 -22.81 16.06 -15.73
N ASN A 277 -22.19 16.36 -16.85
CA ASN A 277 -22.92 16.85 -18.01
C ASN A 277 -24.13 15.94 -18.32
N GLU A 278 -23.87 14.65 -18.47
CA GLU A 278 -24.92 13.67 -18.75
C GLU A 278 -25.94 13.56 -17.60
N GLY A 279 -25.61 14.08 -16.44
CA GLY A 279 -26.53 13.91 -15.32
C GLY A 279 -26.61 12.43 -14.90
N ASN A 280 -25.51 11.70 -15.01
CA ASN A 280 -25.43 10.29 -14.62
C ASN A 280 -25.01 10.30 -13.13
N GLU A 281 -25.97 10.12 -12.23
CA GLU A 281 -25.72 10.18 -10.79
C GLU A 281 -24.84 9.10 -10.23
N ALA A 282 -24.95 7.89 -10.77
CA ALA A 282 -24.17 6.78 -10.28
C ALA A 282 -22.73 7.13 -10.54
N GLY A 283 -22.46 7.56 -11.78
CA GLY A 283 -21.12 7.95 -12.20
C GLY A 283 -20.45 8.98 -11.31
N GLU A 284 -21.16 10.06 -11.03
CA GLU A 284 -20.60 11.10 -10.19
C GLU A 284 -20.23 10.52 -8.83
N GLU A 285 -21.17 9.80 -8.23
CA GLU A 285 -20.96 9.20 -6.93
C GLU A 285 -19.76 8.27 -6.93
N SER A 286 -19.65 7.41 -7.95
CA SER A 286 -18.51 6.51 -8.07
C SER A 286 -17.21 7.32 -8.24
N VAL A 287 -17.28 8.40 -9.00
CA VAL A 287 -16.12 9.23 -9.23
C VAL A 287 -15.71 9.84 -7.91
N ASN A 288 -16.69 10.27 -7.14
CA ASN A 288 -16.35 10.85 -5.86
C ASN A 288 -15.68 9.88 -4.91
N LEU A 289 -16.20 8.65 -4.79
CA LEU A 289 -15.62 7.66 -3.89
C LEU A 289 -14.21 7.23 -4.39
N PHE A 290 -14.07 7.05 -5.70
CA PHE A 290 -12.75 6.70 -6.20
C PHE A 290 -11.72 7.80 -5.94
N LEU A 291 -12.12 9.07 -6.12
CA LEU A 291 -11.22 10.17 -5.86
C LEU A 291 -10.91 10.23 -4.37
N LYS A 292 -11.85 9.79 -3.55
CA LYS A 292 -11.56 9.77 -2.11
C LYS A 292 -10.48 8.70 -1.87
N SER A 293 -10.46 7.68 -2.71
CA SER A 293 -9.46 6.65 -2.55
C SER A 293 -8.10 7.18 -2.90
N ILE A 294 -8.00 7.90 -4.01
CA ILE A 294 -6.72 8.50 -4.40
C ILE A 294 -6.37 9.51 -3.27
N GLY A 295 -7.38 10.21 -2.77
CA GLY A 295 -7.19 11.17 -1.71
C GLY A 295 -6.55 10.55 -0.49
N LEU A 296 -7.01 9.36 -0.07
CA LEU A 296 -6.45 8.69 1.08
C LEU A 296 -4.99 8.33 0.89
N ARG A 297 -4.61 7.96 -0.32
CA ARG A 297 -3.21 7.63 -0.53
C ARG A 297 -2.40 8.95 -0.39
N GLU A 298 -2.85 10.03 -1.04
CA GLU A 298 -2.18 11.34 -0.92
C GLU A 298 -2.09 11.69 0.57
N TYR A 299 -3.15 11.43 1.34
CA TYR A 299 -3.13 11.74 2.75
C TYR A 299 -2.14 10.89 3.58
N SER A 300 -1.83 9.69 3.11
CA SER A 300 -0.92 8.88 3.88
C SER A 300 0.46 9.52 3.77
N ARG A 301 0.76 10.12 2.64
CA ARG A 301 2.05 10.76 2.49
C ARG A 301 2.06 12.02 3.37
N TYR A 302 0.94 12.74 3.39
CA TYR A 302 0.81 13.96 4.18
C TYR A 302 1.14 13.71 5.66
N ILE A 303 0.53 12.68 6.22
CA ILE A 303 0.71 12.31 7.61
C ILE A 303 2.13 11.85 7.93
N SER A 304 2.74 11.10 7.01
CA SER A 304 4.09 10.62 7.25
C SER A 304 5.13 11.74 7.23
N PHE A 305 4.87 12.75 6.43
CA PHE A 305 5.79 13.87 6.33
C PHE A 305 5.59 14.78 7.53
N ASN A 306 4.36 15.00 7.97
CA ASN A 306 4.06 15.89 9.09
C ASN A 306 4.09 15.22 10.48
N HIS A 307 4.59 13.99 10.53
CA HIS A 307 4.68 13.24 11.76
C HIS A 307 5.74 12.21 11.40
N PRO A 308 7.01 12.59 11.36
CA PRO A 308 7.99 11.56 10.97
C PRO A 308 8.19 10.24 11.66
N TYR A 309 7.45 9.92 12.71
CA TYR A 309 7.66 8.57 13.22
C TYR A 309 6.34 7.79 13.18
N SER A 310 5.44 8.25 12.30
CA SER A 310 4.10 7.68 12.12
C SER A 310 4.00 6.16 11.89
N HIS A 311 5.05 5.54 11.32
CA HIS A 311 5.01 4.08 11.09
C HIS A 311 5.18 3.24 12.38
N GLU A 312 5.44 3.91 13.50
CA GLU A 312 5.62 3.23 14.78
C GLU A 312 5.00 4.00 15.96
N ARG A 313 5.05 5.33 15.89
CA ARG A 313 4.50 6.20 16.94
C ARG A 313 3.10 6.66 16.57
N PRO A 314 2.10 6.52 17.48
CA PRO A 314 0.73 6.96 17.14
C PRO A 314 0.52 8.48 17.31
N LEU A 315 -0.37 9.06 16.50
CA LEU A 315 -0.69 10.50 16.52
C LEU A 315 -1.41 10.91 17.83
N LEU A 316 -2.50 10.21 18.15
CA LEU A 316 -3.24 10.44 19.39
C LEU A 316 -2.61 9.55 20.44
N GLY A 317 -2.51 10.06 21.66
CA GLY A 317 -1.91 9.30 22.73
C GLY A 317 -2.92 8.91 23.76
N HIS A 318 -4.21 9.06 23.44
CA HIS A 318 -5.24 8.69 24.41
C HIS A 318 -5.29 7.18 24.75
N LEU A 319 -4.64 6.35 23.93
CA LEU A 319 -4.58 4.90 24.14
C LEU A 319 -3.17 4.55 24.64
N LYS A 320 -2.47 5.52 25.20
CA LYS A 320 -1.12 5.30 25.69
C LYS A 320 -0.95 4.20 26.75
N PHE A 321 -1.75 4.20 27.81
CA PHE A 321 -1.59 3.13 28.78
C PHE A 321 -2.52 1.93 28.54
N PHE A 322 -3.01 1.76 27.31
CA PHE A 322 -3.92 0.64 27.08
C PHE A 322 -3.15 -0.67 27.15
N PRO A 323 -3.64 -1.63 27.98
CA PRO A 323 -3.02 -2.95 28.17
C PRO A 323 -3.25 -3.95 27.00
N TRP A 324 -2.52 -3.76 25.91
CA TRP A 324 -2.65 -4.62 24.72
C TRP A 324 -2.22 -6.04 25.00
N ALA A 325 -3.05 -7.01 24.60
CA ALA A 325 -2.72 -8.43 24.74
C ALA A 325 -1.48 -8.66 23.85
N VAL A 326 -0.52 -9.40 24.37
CA VAL A 326 0.71 -9.70 23.66
C VAL A 326 0.77 -11.22 23.43
N ASP A 327 -0.39 -11.88 23.42
CA ASP A 327 -0.56 -13.33 23.24
C ASP A 327 -0.06 -13.88 21.87
N GLU A 328 1.05 -14.61 21.91
CA GLU A 328 1.64 -15.18 20.71
C GLU A 328 0.73 -16.14 19.99
N ASN A 329 -0.07 -16.96 20.68
CA ASN A 329 -0.86 -17.79 19.82
C ASN A 329 -2.13 -17.15 19.30
N TYR A 330 -2.50 -16.00 19.86
CA TYR A 330 -3.63 -15.26 19.36
C TYR A 330 -3.14 -14.79 17.99
N PHE A 331 -1.89 -14.36 17.98
CA PHE A 331 -1.26 -13.87 16.79
C PHE A 331 -1.22 -14.96 15.72
N LYS A 332 -0.68 -16.11 16.10
CA LYS A 332 -0.57 -17.23 15.19
C LYS A 332 -1.96 -17.58 14.63
N ALA A 333 -2.98 -17.64 15.50
CA ALA A 333 -4.29 -18.01 15.03
C ALA A 333 -4.79 -17.02 13.97
N TRP A 334 -4.50 -15.73 14.18
CA TRP A 334 -4.91 -14.69 13.27
C TRP A 334 -4.24 -14.87 11.92
N ARG A 335 -2.93 -15.03 11.95
CA ARG A 335 -2.15 -15.24 10.72
C ARG A 335 -2.58 -16.47 9.94
N GLN A 336 -2.96 -17.54 10.66
CA GLN A 336 -3.32 -18.81 10.05
C GLN A 336 -4.74 -18.83 9.62
N GLY A 337 -5.50 -17.86 10.11
CA GLY A 337 -6.89 -17.81 9.72
C GLY A 337 -7.55 -18.94 10.45
N ARG A 338 -7.30 -18.94 11.74
CA ARG A 338 -7.84 -19.92 12.63
C ARG A 338 -8.47 -19.20 13.83
N THR A 339 -9.34 -18.24 13.53
CA THR A 339 -9.96 -17.49 14.58
C THR A 339 -11.32 -18.00 14.88
N GLY A 340 -11.93 -18.66 13.92
CA GLY A 340 -13.25 -19.14 14.20
C GLY A 340 -14.32 -18.34 13.53
N TYR A 341 -14.01 -17.14 13.06
CA TYR A 341 -15.00 -16.28 12.36
C TYR A 341 -14.72 -16.40 10.89
N PRO A 342 -15.59 -17.08 10.15
CA PRO A 342 -15.36 -17.26 8.71
C PRO A 342 -14.83 -16.13 7.88
N LEU A 343 -15.48 -14.96 7.89
CA LEU A 343 -15.01 -13.86 7.04
C LEU A 343 -13.59 -13.44 7.44
N VAL A 344 -13.26 -13.44 8.73
CA VAL A 344 -11.90 -13.11 9.17
C VAL A 344 -10.89 -14.17 8.73
N ASP A 345 -11.26 -15.44 8.83
CA ASP A 345 -10.32 -16.49 8.42
C ASP A 345 -10.20 -16.55 6.90
N ALA A 346 -11.26 -16.23 6.19
CA ALA A 346 -11.16 -16.25 4.72
C ALA A 346 -10.13 -15.17 4.28
N GLY A 347 -10.24 -13.98 4.86
CA GLY A 347 -9.30 -12.94 4.53
C GLY A 347 -7.85 -13.30 4.82
N MET A 348 -7.60 -13.89 5.99
CA MET A 348 -6.23 -14.25 6.30
C MET A 348 -5.73 -15.31 5.33
N ARG A 349 -6.63 -16.18 4.89
CA ARG A 349 -6.22 -17.22 3.97
C ARG A 349 -5.91 -16.62 2.62
N GLU A 350 -6.77 -15.75 2.12
CA GLU A 350 -6.54 -15.14 0.81
C GLU A 350 -5.27 -14.29 0.87
N LEU A 351 -5.04 -13.65 2.01
CA LEU A 351 -3.85 -12.85 2.10
C LEU A 351 -2.58 -13.75 2.10
N TRP A 352 -2.64 -14.83 2.86
CA TRP A 352 -1.48 -15.69 2.93
C TRP A 352 -1.20 -16.34 1.59
N ALA A 353 -2.25 -16.74 0.91
CA ALA A 353 -2.02 -17.42 -0.36
C ALA A 353 -1.75 -16.52 -1.57
N THR A 354 -2.25 -15.29 -1.54
CA THR A 354 -2.10 -14.47 -2.71
C THR A 354 -1.47 -13.12 -2.54
N GLY A 355 -1.30 -12.67 -1.30
CA GLY A 355 -0.69 -11.35 -1.09
C GLY A 355 -1.67 -10.26 -1.42
N TRP A 356 -2.93 -10.60 -1.70
CA TRP A 356 -3.93 -9.58 -2.03
C TRP A 356 -5.19 -9.59 -1.15
N LEU A 357 -5.70 -8.39 -0.83
CA LEU A 357 -6.93 -8.22 -0.05
C LEU A 357 -7.70 -6.95 -0.45
N HIS A 358 -9.00 -7.08 -0.69
CA HIS A 358 -9.88 -5.94 -1.02
C HIS A 358 -9.85 -5.04 0.22
N ASP A 359 -10.01 -3.74 0.05
CA ASP A 359 -9.96 -2.88 1.23
C ASP A 359 -10.95 -3.30 2.36
N ARG A 360 -12.17 -3.71 2.03
CA ARG A 360 -13.08 -4.06 3.11
C ARG A 360 -12.61 -5.20 3.98
N ILE A 361 -11.98 -6.21 3.38
CA ILE A 361 -11.53 -7.34 4.17
C ILE A 361 -10.35 -6.90 5.00
N ARG A 362 -9.57 -5.94 4.48
CA ARG A 362 -8.40 -5.46 5.23
C ARG A 362 -8.92 -4.83 6.50
N VAL A 363 -10.01 -4.07 6.37
CA VAL A 363 -10.61 -3.42 7.52
C VAL A 363 -11.16 -4.48 8.47
N VAL A 364 -11.95 -5.41 7.95
CA VAL A 364 -12.49 -6.52 8.72
C VAL A 364 -11.39 -7.30 9.48
N VAL A 365 -10.30 -7.67 8.82
CA VAL A 365 -9.33 -8.43 9.58
C VAL A 365 -8.46 -7.64 10.55
N SER A 366 -8.14 -6.39 10.20
CA SER A 366 -7.31 -5.54 11.10
C SER A 366 -8.20 -5.07 12.26
N SER A 367 -9.49 -4.93 12.00
CA SER A 367 -10.33 -4.45 13.08
C SER A 367 -10.46 -5.52 14.12
N PHE A 368 -10.65 -6.76 13.67
CA PHE A 368 -10.78 -7.92 14.56
C PHE A 368 -9.48 -8.06 15.36
N PHE A 369 -8.38 -7.69 14.74
CA PHE A 369 -7.08 -7.82 15.34
C PHE A 369 -6.93 -6.90 16.54
N VAL A 370 -7.44 -5.68 16.43
CA VAL A 370 -7.28 -4.76 17.57
C VAL A 370 -8.42 -4.75 18.56
N LYS A 371 -9.63 -5.03 18.14
CA LYS A 371 -10.77 -5.02 19.07
C LYS A 371 -11.11 -6.36 19.69
N VAL A 372 -10.99 -7.45 18.94
CA VAL A 372 -11.29 -8.77 19.52
C VAL A 372 -10.05 -9.45 20.15
N LEU A 373 -8.94 -9.58 19.42
CA LEU A 373 -7.72 -10.20 19.98
C LEU A 373 -6.95 -9.20 20.81
N GLN A 374 -7.14 -7.91 20.48
CA GLN A 374 -6.49 -6.79 21.17
C GLN A 374 -4.97 -6.85 21.21
N LEU A 375 -4.38 -7.15 20.05
CA LEU A 375 -2.93 -7.23 19.86
C LEU A 375 -2.36 -5.87 19.45
N PRO A 376 -1.05 -5.67 19.61
CA PRO A 376 -0.43 -4.39 19.25
C PRO A 376 -0.54 -4.15 17.72
N TRP A 377 -1.04 -2.98 17.32
CA TRP A 377 -1.19 -2.70 15.91
C TRP A 377 0.12 -2.73 15.13
N ARG A 378 1.26 -2.51 15.77
CA ARG A 378 2.50 -2.58 15.00
C ARG A 378 2.72 -4.02 14.47
N TRP A 379 2.21 -5.02 15.18
CA TRP A 379 2.37 -6.41 14.73
C TRP A 379 1.54 -6.70 13.47
N GLY A 380 0.34 -6.16 13.41
CA GLY A 380 -0.51 -6.36 12.25
C GLY A 380 0.07 -5.53 11.10
N MET A 381 0.64 -4.39 11.44
CA MET A 381 1.22 -3.58 10.40
C MET A 381 2.36 -4.31 9.73
N LYS A 382 3.27 -4.84 10.55
CA LYS A 382 4.40 -5.58 10.06
C LYS A 382 4.02 -6.82 9.26
N TYR A 383 3.05 -7.61 9.76
CA TYR A 383 2.61 -8.82 9.03
C TYR A 383 2.12 -8.43 7.61
N PHE A 384 1.25 -7.43 7.56
CA PHE A 384 0.75 -6.87 6.29
C PHE A 384 1.93 -6.44 5.39
N TRP A 385 2.90 -5.70 5.94
CA TRP A 385 4.03 -5.26 5.16
C TRP A 385 4.81 -6.44 4.57
N ASP A 386 4.92 -7.54 5.31
CA ASP A 386 5.65 -8.68 4.76
C ASP A 386 4.80 -9.48 3.76
N THR A 387 3.49 -9.39 3.84
CA THR A 387 2.70 -10.24 2.94
C THR A 387 1.93 -9.61 1.83
N LEU A 388 1.67 -8.31 1.89
CA LEU A 388 0.90 -7.64 0.83
C LEU A 388 1.73 -7.30 -0.41
N LEU A 389 1.11 -7.50 -1.56
CA LEU A 389 1.70 -7.25 -2.88
C LEU A 389 1.87 -5.72 -3.07
N ASP A 390 1.05 -4.93 -2.38
CA ASP A 390 1.17 -3.49 -2.47
C ASP A 390 1.67 -2.93 -1.13
N ALA A 391 2.37 -3.73 -0.33
CA ALA A 391 2.90 -3.21 0.95
C ALA A 391 3.47 -1.78 0.74
N ASP A 392 2.95 -0.84 1.51
CA ASP A 392 3.34 0.56 1.41
C ASP A 392 3.30 1.10 2.85
N LEU A 393 4.45 1.56 3.33
CA LEU A 393 4.60 2.03 4.70
C LEU A 393 3.58 3.07 5.04
N GLU A 394 3.49 4.09 4.22
CA GLU A 394 2.51 5.14 4.52
C GLU A 394 1.08 4.66 4.47
N SER A 395 0.72 3.89 3.47
CA SER A 395 -0.67 3.43 3.42
C SER A 395 -1.00 2.36 4.45
N ASP A 396 -0.01 1.57 4.80
CA ASP A 396 -0.20 0.56 5.79
C ASP A 396 -0.33 1.19 7.20
N ALA A 397 0.55 2.13 7.52
CA ALA A 397 0.47 2.80 8.84
C ALA A 397 -0.86 3.56 8.98
N LEU A 398 -1.19 4.33 7.97
CA LEU A 398 -2.41 5.10 7.99
C LEU A 398 -3.58 4.18 8.22
N GLY A 399 -3.65 3.07 7.51
CA GLY A 399 -4.78 2.16 7.70
C GLY A 399 -4.85 1.57 9.11
N TRP A 400 -3.72 1.10 9.62
CA TRP A 400 -3.71 0.52 10.95
C TRP A 400 -4.01 1.56 12.02
N GLN A 401 -3.44 2.75 11.89
CA GLN A 401 -3.74 3.77 12.91
C GLN A 401 -5.25 4.12 12.92
N TYR A 402 -5.82 4.24 11.72
CA TYR A 402 -7.21 4.58 11.61
C TYR A 402 -8.09 3.48 12.25
N ILE A 403 -7.77 2.21 12.01
CA ILE A 403 -8.59 1.10 12.54
C ILE A 403 -8.51 0.96 14.05
N THR A 404 -7.30 1.14 14.57
CA THR A 404 -7.02 1.03 16.00
C THR A 404 -7.62 2.17 16.80
N GLY A 405 -7.75 3.33 16.17
CA GLY A 405 -8.35 4.45 16.88
C GLY A 405 -7.37 5.48 17.40
N THR A 406 -6.16 5.51 16.89
CA THR A 406 -5.19 6.47 17.35
C THR A 406 -5.13 7.68 16.42
N LEU A 407 -6.13 7.85 15.57
CA LEU A 407 -6.14 8.98 14.66
C LEU A 407 -7.27 9.93 14.99
N PRO A 408 -7.05 11.26 14.82
CA PRO A 408 -8.05 12.31 15.08
C PRO A 408 -9.40 11.93 14.49
N ASP A 409 -9.39 11.32 13.29
CA ASP A 409 -10.65 10.91 12.68
C ASP A 409 -10.97 9.41 12.64
N SER A 410 -10.53 8.64 13.64
CA SER A 410 -10.86 7.19 13.72
C SER A 410 -12.28 7.01 14.30
N ARG A 411 -12.89 5.84 14.09
CA ARG A 411 -14.22 5.61 14.64
C ARG A 411 -14.09 5.40 16.13
N GLU A 412 -15.23 5.34 16.82
CA GLU A 412 -15.16 5.16 18.26
C GLU A 412 -14.41 3.88 18.60
N PHE A 413 -13.48 4.00 19.53
CA PHE A 413 -12.70 2.88 19.94
C PHE A 413 -13.54 1.78 20.63
N ASP A 414 -14.33 2.09 21.64
CA ASP A 414 -15.06 1.02 22.28
C ASP A 414 -16.18 0.47 21.43
N ARG A 415 -15.84 -0.14 20.31
CA ARG A 415 -16.85 -0.72 19.40
C ARG A 415 -16.20 -1.91 18.72
N ILE A 416 -16.85 -3.06 18.87
CA ILE A 416 -16.40 -4.31 18.30
C ILE A 416 -17.30 -4.80 17.18
N ASP A 417 -16.74 -4.99 15.98
CA ASP A 417 -17.58 -5.48 14.89
C ASP A 417 -17.79 -6.96 14.99
N ASN A 418 -18.98 -7.35 14.59
CA ASN A 418 -19.41 -8.72 14.56
C ASN A 418 -19.14 -9.32 13.18
N PRO A 419 -18.16 -10.24 13.06
CA PRO A 419 -17.83 -10.83 11.76
C PRO A 419 -18.99 -11.52 11.12
N GLN A 420 -19.94 -11.94 11.95
CA GLN A 420 -21.10 -12.62 11.40
C GLN A 420 -21.90 -11.61 10.60
N PHE A 421 -22.08 -10.40 11.12
CA PHE A 421 -22.84 -9.36 10.40
C PHE A 421 -22.03 -8.80 9.22
N GLU A 422 -20.72 -8.69 9.41
CA GLU A 422 -19.90 -8.18 8.33
C GLU A 422 -20.07 -9.18 7.19
N GLY A 423 -20.16 -10.47 7.59
CA GLY A 423 -20.33 -11.58 6.65
C GLY A 423 -21.59 -11.35 5.86
N TYR A 424 -22.69 -11.07 6.54
CA TYR A 424 -23.95 -10.80 5.85
C TYR A 424 -23.82 -9.57 4.94
N LYS A 425 -23.12 -8.53 5.38
CA LYS A 425 -22.96 -7.37 4.52
C LYS A 425 -22.10 -7.67 3.28
N PHE A 426 -20.84 -8.05 3.48
CA PHE A 426 -19.93 -8.26 2.36
C PHE A 426 -19.92 -9.59 1.65
N ASP A 427 -20.41 -10.66 2.29
CA ASP A 427 -20.42 -11.99 1.67
C ASP A 427 -21.74 -12.71 1.98
N PRO A 428 -22.85 -12.10 1.52
CA PRO A 428 -24.25 -12.53 1.66
C PRO A 428 -24.61 -13.97 1.31
N ASN A 429 -23.95 -14.56 0.31
CA ASN A 429 -24.27 -15.93 -0.04
C ASN A 429 -23.13 -16.88 0.32
N GLY A 430 -22.19 -16.41 1.15
CA GLY A 430 -21.06 -17.22 1.52
C GLY A 430 -20.09 -17.55 0.40
N GLU A 431 -20.21 -16.97 -0.78
CA GLU A 431 -19.27 -17.32 -1.84
C GLU A 431 -17.82 -16.98 -1.47
N TYR A 432 -17.61 -15.85 -0.81
CA TYR A 432 -16.24 -15.50 -0.47
C TYR A 432 -15.65 -16.48 0.55
N VAL A 433 -16.33 -16.67 1.67
CA VAL A 433 -15.85 -17.62 2.68
C VAL A 433 -15.58 -19.02 2.09
N ARG A 434 -16.48 -19.52 1.25
CA ARG A 434 -16.26 -20.85 0.68
C ARG A 434 -15.10 -20.92 -0.31
N ARG A 435 -14.87 -19.85 -1.07
CA ARG A 435 -13.72 -19.86 -1.96
C ARG A 435 -12.40 -19.96 -1.13
N TRP A 436 -12.30 -19.27 0.00
CA TRP A 436 -11.04 -19.31 0.73
C TRP A 436 -10.90 -20.30 1.88
N LEU A 437 -12.01 -20.94 2.24
CA LEU A 437 -11.99 -21.93 3.31
C LEU A 437 -12.55 -23.25 2.72
N PRO A 438 -11.70 -24.08 2.12
CA PRO A 438 -12.36 -25.29 1.60
C PRO A 438 -13.02 -26.18 2.68
N GLU A 439 -12.51 -26.10 3.93
CA GLU A 439 -13.10 -26.85 5.01
C GLU A 439 -14.57 -26.46 5.17
N LEU A 440 -14.96 -25.26 4.74
CA LEU A 440 -16.34 -24.85 4.90
C LEU A 440 -17.07 -24.86 3.58
N SER A 441 -16.43 -25.37 2.54
CA SER A 441 -17.06 -25.42 1.21
C SER A 441 -18.40 -26.15 1.06
N ARG A 442 -18.78 -26.96 2.06
CA ARG A 442 -20.06 -27.68 2.01
C ARG A 442 -21.12 -27.13 2.98
N LEU A 443 -20.80 -26.10 3.75
CA LEU A 443 -21.73 -25.55 4.73
C LEU A 443 -22.79 -24.64 4.09
N PRO A 444 -24.08 -24.87 4.39
CA PRO A 444 -25.09 -23.98 3.77
C PRO A 444 -25.09 -22.53 4.29
N THR A 445 -25.54 -21.61 3.44
CA THR A 445 -25.55 -20.17 3.74
C THR A 445 -26.12 -19.77 5.08
N ASP A 446 -27.12 -20.50 5.55
CA ASP A 446 -27.71 -20.16 6.85
C ASP A 446 -26.68 -20.22 7.96
N TRP A 447 -25.63 -21.02 7.79
CA TRP A 447 -24.64 -21.08 8.86
C TRP A 447 -23.22 -20.69 8.45
N ILE A 448 -23.04 -20.32 7.17
CA ILE A 448 -21.72 -19.97 6.69
C ILE A 448 -21.01 -18.92 7.51
N HIS A 449 -21.70 -17.91 8.04
CA HIS A 449 -21.00 -16.90 8.86
C HIS A 449 -21.04 -17.08 10.35
N HIS A 450 -21.54 -18.23 10.81
CA HIS A 450 -21.60 -18.57 12.25
C HIS A 450 -21.84 -20.11 12.34
N PRO A 451 -20.83 -20.88 11.95
CA PRO A 451 -20.90 -22.33 11.97
C PRO A 451 -20.97 -22.95 13.37
N TRP A 452 -20.47 -22.26 14.40
CA TRP A 452 -20.45 -22.78 15.79
C TRP A 452 -21.83 -22.99 16.41
N ASN A 453 -22.87 -22.42 15.80
CA ASN A 453 -24.24 -22.54 16.29
C ASN A 453 -24.84 -23.76 15.74
N ALA A 454 -24.63 -23.95 14.45
CA ALA A 454 -25.21 -25.05 13.67
C ALA A 454 -25.49 -26.43 14.24
N PRO A 455 -26.63 -27.00 13.82
CA PRO A 455 -27.09 -28.33 14.23
C PRO A 455 -26.06 -29.37 13.76
N GLU A 456 -25.75 -30.29 14.68
CA GLU A 456 -24.81 -31.36 14.45
C GLU A 456 -25.04 -32.04 13.10
N SER A 457 -26.28 -32.21 12.70
CA SER A 457 -26.49 -32.89 11.44
C SER A 457 -25.97 -32.11 10.23
N VAL A 458 -26.03 -30.76 10.26
CA VAL A 458 -25.52 -30.00 9.12
C VAL A 458 -23.98 -30.07 9.11
N LEU A 459 -23.37 -29.93 10.28
CA LEU A 459 -21.92 -30.05 10.37
C LEU A 459 -21.51 -31.45 9.87
N GLN A 460 -22.08 -32.51 10.45
CA GLN A 460 -21.71 -33.85 9.98
C GLN A 460 -21.83 -33.99 8.47
N ALA A 461 -22.95 -33.53 7.88
CA ALA A 461 -23.13 -33.62 6.42
C ALA A 461 -22.12 -32.79 5.63
N ALA A 462 -21.65 -31.68 6.20
CA ALA A 462 -20.69 -30.85 5.48
C ALA A 462 -19.22 -31.29 5.70
N GLY A 463 -19.00 -32.21 6.63
CA GLY A 463 -17.66 -32.70 6.94
C GLY A 463 -16.92 -31.80 7.91
N ILE A 464 -17.64 -30.97 8.66
CA ILE A 464 -16.99 -30.05 9.57
C ILE A 464 -17.02 -30.56 11.00
N GLU A 465 -15.86 -30.60 11.62
CA GLU A 465 -15.74 -31.03 12.99
C GLU A 465 -15.17 -29.85 13.78
N LEU A 466 -16.06 -29.11 14.43
CA LEU A 466 -15.65 -27.95 15.18
C LEU A 466 -14.50 -28.27 16.12
N GLY A 467 -13.46 -27.44 16.05
CA GLY A 467 -12.33 -27.68 16.90
C GLY A 467 -11.25 -28.42 16.16
N SER A 468 -11.59 -29.04 15.03
CA SER A 468 -10.61 -29.78 14.23
C SER A 468 -10.30 -29.11 12.91
N ASN A 469 -11.06 -29.41 11.85
CA ASN A 469 -10.75 -28.78 10.58
C ASN A 469 -11.29 -27.34 10.48
N TYR A 470 -11.99 -26.89 11.51
CA TYR A 470 -12.44 -25.50 11.61
C TYR A 470 -12.63 -25.29 13.10
N PRO A 471 -11.93 -24.32 13.68
CA PRO A 471 -11.96 -24.00 15.09
C PRO A 471 -13.19 -23.30 15.57
N LEU A 472 -13.37 -23.33 16.89
CA LEU A 472 -14.47 -22.60 17.49
C LEU A 472 -13.90 -21.21 17.69
N PRO A 473 -14.77 -20.20 17.83
CA PRO A 473 -14.31 -18.82 18.04
C PRO A 473 -13.20 -18.80 19.07
N ILE A 474 -12.02 -18.34 18.69
CA ILE A 474 -10.90 -18.31 19.60
C ILE A 474 -11.17 -17.38 20.80
N VAL A 475 -12.06 -16.42 20.60
CA VAL A 475 -12.54 -15.51 21.66
C VAL A 475 -13.95 -15.14 21.23
N GLY A 476 -14.89 -15.30 22.16
CA GLY A 476 -16.29 -14.95 21.91
C GLY A 476 -16.42 -13.43 21.85
N LEU A 477 -17.43 -12.94 21.12
CA LEU A 477 -17.63 -11.51 21.02
C LEU A 477 -17.96 -10.94 22.41
N ASP A 478 -18.91 -11.57 23.12
CA ASP A 478 -19.27 -11.08 24.47
C ASP A 478 -18.07 -10.99 25.39
N GLU A 479 -17.26 -12.04 25.37
CA GLU A 479 -16.08 -12.11 26.23
C GLU A 479 -15.12 -11.07 25.79
N ALA A 480 -15.17 -10.77 24.50
CA ALA A 480 -14.29 -9.76 23.88
C ALA A 480 -14.61 -8.32 24.39
N LYS A 481 -15.90 -7.95 24.36
CA LYS A 481 -16.36 -6.65 24.84
C LYS A 481 -15.97 -6.45 26.33
N ALA A 482 -16.02 -7.56 27.06
CA ALA A 482 -15.71 -7.54 28.47
C ALA A 482 -14.24 -7.31 28.72
N ARG A 483 -13.36 -7.91 27.93
CA ARG A 483 -11.95 -7.69 28.20
C ARG A 483 -11.62 -6.29 27.75
N LEU A 484 -12.34 -5.82 26.72
CA LEU A 484 -12.14 -4.48 26.19
C LEU A 484 -12.39 -3.47 27.32
N HIS A 485 -13.51 -3.69 28.02
CA HIS A 485 -13.89 -2.84 29.14
C HIS A 485 -12.87 -2.98 30.29
N GLU A 486 -12.63 -4.22 30.69
CA GLU A 486 -11.68 -4.43 31.75
C GLU A 486 -10.36 -3.75 31.33
N ALA A 487 -10.01 -3.79 30.04
CA ALA A 487 -8.76 -3.13 29.65
C ALA A 487 -8.81 -1.59 29.79
N LEU A 488 -9.95 -0.99 29.47
CA LEU A 488 -10.13 0.47 29.61
C LEU A 488 -10.08 0.85 31.12
N SER A 489 -10.88 0.15 31.96
CA SER A 489 -10.86 0.45 33.40
C SER A 489 -9.44 0.52 33.88
N GLN A 490 -8.60 -0.36 33.35
CA GLN A 490 -7.22 -0.41 33.72
C GLN A 490 -6.41 0.74 33.19
N MET A 491 -6.54 1.06 31.89
CA MET A 491 -5.73 2.18 31.39
C MET A 491 -6.13 3.49 32.09
N TRP A 492 -7.40 3.64 32.39
CA TRP A 492 -7.86 4.86 33.03
C TRP A 492 -7.19 4.95 34.40
N GLN A 493 -7.13 3.80 35.08
CA GLN A 493 -6.51 3.73 36.39
C GLN A 493 -5.01 4.01 36.29
N LEU A 494 -4.38 3.56 35.22
CA LEU A 494 -2.96 3.83 35.01
C LEU A 494 -2.74 5.32 34.72
N GLU A 495 -3.73 5.95 34.09
CA GLU A 495 -3.62 7.37 33.77
C GLU A 495 -3.39 8.15 35.04
N ALA A 496 -4.05 7.73 36.11
CA ALA A 496 -3.88 8.37 37.41
C ALA A 496 -2.42 8.10 37.88
N ALA A 497 -1.50 8.81 37.23
CA ALA A 497 -0.06 8.76 37.46
C ALA A 497 0.63 9.29 36.19
MG MG B . -17.84 2.64 6.55
MG MG C . -15.79 -2.99 -4.63
MG MG D . -15.00 -6.55 -5.77
MG MG E . -2.73 -4.80 -17.01
CL CL F . -11.12 5.97 24.44
PA FAD G . -8.94 1.23 -5.40
O1A FAD G . -10.17 1.14 -4.59
O2A FAD G . -9.03 0.93 -6.84
O5B FAD G . -8.38 2.73 -5.20
C5B FAD G . -7.36 3.27 -6.04
C4B FAD G . -6.11 3.63 -5.23
O4B FAD G . -6.48 4.47 -4.12
C3B FAD G . -5.56 2.38 -4.54
O3B FAD G . -4.77 1.62 -5.46
C2B FAD G . -4.66 3.05 -3.50
O2B FAD G . -3.47 3.55 -4.10
C1B FAD G . -5.56 4.20 -3.06
N9A FAD G . -6.35 3.80 -1.88
C8A FAD G . -7.57 3.28 -1.87
N7A FAD G . -7.99 3.12 -0.64
C5A FAD G . -7.02 3.54 0.21
C6A FAD G . -6.88 3.60 1.55
N6A FAD G . -7.88 3.23 2.38
N1A FAD G . -5.69 4.09 2.09
C2A FAD G . -4.66 4.51 1.24
N3A FAD G . -4.83 4.43 -0.07
C4A FAD G . -5.97 3.98 -0.61
N1 FAD G . -2.93 0.27 0.52
C2 FAD G . -1.67 0.11 -0.08
O2 FAD G . -1.41 0.67 -1.13
N3 FAD G . -0.67 -0.59 0.64
C4 FAD G . -0.92 -1.10 1.91
O4 FAD G . -0.04 -1.64 2.55
C4X FAD G . -2.19 -0.93 2.49
N5 FAD G . -2.43 -1.39 3.79
C5X FAD G . -3.68 -1.21 4.37
C6 FAD G . -3.89 -1.65 5.70
C7 FAD G . -5.14 -1.46 6.28
C7M FAD G . -5.31 -1.79 7.77
C8 FAD G . -6.16 -0.87 5.57
C8M FAD G . -7.56 -0.71 6.17
C9 FAD G . -5.94 -0.42 4.26
C9A FAD G . -4.70 -0.59 3.68
N10 FAD G . -4.45 -0.09 2.37
C10 FAD G . -3.19 -0.25 1.78
C1' FAD G . -5.52 0.65 1.65
C2' FAD G . -6.34 -0.07 0.56
O2' FAD G . -7.03 -1.20 1.09
C3' FAD G . -5.55 -0.46 -0.68
O3' FAD G . -4.86 0.68 -1.17
C4' FAD G . -6.52 -0.96 -1.77
O4' FAD G . -7.27 -2.05 -1.26
C5' FAD G . -5.82 -1.39 -3.06
O5' FAD G . -6.79 -1.85 -4.01
P FAD G . -7.14 -1.03 -5.36
O1P FAD G . -5.83 -0.72 -6.00
O2P FAD G . -8.11 -1.79 -6.16
O3P FAD G . -7.80 0.30 -4.73
PG ANP H . -19.92 2.17 3.93
O1G ANP H . -20.82 1.70 5.00
O2G ANP H . -20.68 3.15 2.90
O3G ANP H . -19.35 0.94 3.05
PB ANP H . -17.36 3.35 3.59
O1B ANP H . -17.81 3.63 2.21
O2B ANP H . -16.36 2.27 3.80
N3B ANP H . -18.65 3.00 4.49
PA ANP H . -15.69 4.76 5.41
O1A ANP H . -15.84 6.05 6.09
O2A ANP H . -15.78 3.51 6.21
O3A ANP H . -16.81 4.71 4.24
O5' ANP H . -14.30 4.75 4.58
C5' ANP H . -13.92 3.61 3.80
C4' ANP H . -12.47 3.19 4.06
O4' ANP H . -11.52 4.22 3.72
C3' ANP H . -12.22 2.91 5.53
O3' ANP H . -12.71 1.60 5.84
C2' ANP H . -10.69 2.94 5.51
O2' ANP H . -10.14 1.86 4.74
C1' ANP H . -10.50 4.24 4.73
N9 ANP H . -10.73 5.42 5.59
C8 ANP H . -11.90 6.02 5.79
N7 ANP H . -11.72 7.12 6.51
C5 ANP H . -10.43 7.22 6.77
C6 ANP H . -9.67 8.16 7.47
N6 ANP H . -10.26 9.22 8.00
N1 ANP H . -8.29 7.97 7.56
C2 ANP H . -7.71 6.84 6.96
N3 ANP H . -8.46 5.98 6.31
C4 ANP H . -9.78 6.13 6.20
O3 NDS I . -1.21 -6.51 -12.94
S1 NDS I . -2.39 -5.90 -13.64
O1 NDS I . -2.18 -5.72 -15.11
O2 NDS I . -2.95 -4.69 -12.98
C4 NDS I . -3.70 -7.19 -13.54
C3 NDS I . -4.88 -6.88 -12.61
C2 NDS I . -4.93 -7.85 -11.44
N1 NDS I . -6.13 -8.70 -11.38
C1 NDS I . -6.46 -9.25 -12.71
C7 NDS I . -5.84 -9.78 -10.44
C5 NDS I . -7.27 -7.90 -10.88
C6 NDS I . -8.53 -8.76 -10.70
#